data_1R4B
#
_entry.id   1R4B
#
_cell.length_a   65.300
_cell.length_b   70.000
_cell.length_c   109.000
_cell.angle_alpha   90.00
_cell.angle_beta   101.20
_cell.angle_gamma   90.00
#
_symmetry.space_group_name_H-M   'C 1 2 1'
#
loop_
_entity.id
_entity.type
_entity.pdbx_description
1 polymer 'Mono-ADP-ribosyltransferase C3'
2 water water
#
_entity_poly.entity_id   1
_entity_poly.type   'polypeptide(L)'
_entity_poly.pdbx_seq_one_letter_code
;SYADTFTEFTNVEEAKKWGNAQYKKYGLSKPEQEAIKFYTRDASKINGPLRANQGNENGLPADILQKVKLIDQSFSKMKM
PQNIILFRGDDPAYLGPEFQDKILNKDGTINKTVFEQVKAKFLKKDRTEYGYISTSLMSAQFGGRPIVTKFKVTNGSKGG
YIDPISYFPGQLEVLLPRNNSYYISDMQISPNNRQIMITAMIFK
;
_entity_poly.pdbx_strand_id   A,B
#
# COMPACT_ATOMS: atom_id res chain seq x y z
N THR A 5 7.89 -24.61 12.17
CA THR A 5 7.69 -23.91 10.86
C THR A 5 6.50 -22.95 10.95
N PHE A 6 6.65 -21.73 10.45
CA PHE A 6 5.55 -20.75 10.51
C PHE A 6 4.86 -20.63 9.15
N THR A 7 3.54 -20.82 9.13
CA THR A 7 2.79 -20.77 7.88
C THR A 7 2.55 -19.34 7.44
N GLU A 8 2.86 -19.04 6.18
CA GLU A 8 2.57 -17.73 5.65
C GLU A 8 1.63 -17.86 4.47
N PHE A 9 0.46 -17.23 4.52
CA PHE A 9 -0.49 -17.26 3.40
C PHE A 9 -0.11 -16.30 2.30
N THR A 10 -0.10 -16.79 1.06
CA THR A 10 0.33 -15.97 -0.06
C THR A 10 -0.81 -15.67 -1.01
N ASN A 11 -1.97 -16.29 -0.77
CA ASN A 11 -3.12 -16.05 -1.63
C ASN A 11 -4.41 -15.87 -0.82
N VAL A 12 -5.17 -14.82 -1.15
CA VAL A 12 -6.44 -14.51 -0.47
C VAL A 12 -7.37 -15.72 -0.32
N GLU A 13 -7.49 -16.52 -1.38
CA GLU A 13 -8.46 -17.63 -1.36
C GLU A 13 -8.07 -18.61 -0.28
N GLU A 14 -6.78 -18.93 -0.19
CA GLU A 14 -6.26 -19.85 0.81
C GLU A 14 -6.35 -19.25 2.22
N ALA A 15 -5.98 -17.98 2.35
CA ALA A 15 -6.08 -17.28 3.63
C ALA A 15 -7.52 -17.28 4.17
N LYS A 16 -8.50 -17.02 3.31
CA LYS A 16 -9.91 -16.98 3.76
C LYS A 16 -10.37 -18.34 4.15
N LYS A 17 -9.97 -19.34 3.37
CA LYS A 17 -10.22 -20.72 3.73
C LYS A 17 -9.72 -21.05 5.12
N TRP A 18 -8.44 -20.72 5.43
CA TRP A 18 -7.93 -21.02 6.77
C TRP A 18 -8.66 -20.26 7.83
N GLY A 19 -8.85 -18.96 7.61
CA GLY A 19 -9.39 -18.14 8.67
C GLY A 19 -10.79 -18.64 8.95
N ASN A 20 -11.56 -18.86 7.90
CA ASN A 20 -12.97 -19.21 8.12
C ASN A 20 -13.10 -20.53 8.88
N ALA A 21 -12.20 -21.47 8.62
CA ALA A 21 -12.22 -22.77 9.29
C ALA A 21 -12.03 -22.64 10.81
N GLN A 22 -11.23 -21.67 11.24
CA GLN A 22 -10.98 -21.44 12.66
C GLN A 22 -12.11 -20.65 13.28
N TYR A 23 -12.53 -19.59 12.60
CA TYR A 23 -13.60 -18.72 13.08
C TYR A 23 -14.87 -19.55 13.41
N LYS A 24 -15.14 -20.57 12.61
CA LYS A 24 -16.33 -21.43 12.79
C LYS A 24 -16.31 -22.11 14.13
N LYS A 25 -15.13 -22.27 14.72
CA LYS A 25 -14.98 -23.00 15.97
C LYS A 25 -15.04 -22.10 17.20
N TYR A 26 -14.93 -20.78 17.00
CA TYR A 26 -14.89 -19.87 18.15
C TYR A 26 -16.13 -19.87 19.03
N GLY A 27 -17.29 -19.79 18.43
CA GLY A 27 -18.51 -19.71 19.23
C GLY A 27 -18.60 -18.43 20.03
N LEU A 28 -18.23 -17.31 19.40
CA LEU A 28 -18.26 -16.01 20.06
C LEU A 28 -19.74 -15.66 20.31
N SER A 29 -20.04 -15.11 21.48
CA SER A 29 -21.42 -14.70 21.81
C SER A 29 -21.81 -13.44 21.05
N LYS A 30 -23.10 -13.11 21.01
CA LYS A 30 -23.49 -11.87 20.33
C LYS A 30 -22.84 -10.58 20.91
N PRO A 31 -22.80 -10.39 22.22
CA PRO A 31 -22.10 -9.22 22.77
C PRO A 31 -20.59 -9.25 22.43
N GLU A 32 -19.92 -10.39 22.42
CA GLU A 32 -18.51 -10.43 22.00
C GLU A 32 -18.34 -9.98 20.56
N GLN A 33 -19.24 -10.47 19.69
CA GLN A 33 -19.14 -10.13 18.28
C GLN A 33 -19.38 -8.64 18.06
N GLU A 34 -20.35 -8.07 18.76
CA GLU A 34 -20.63 -6.64 18.62
C GLU A 34 -19.50 -5.74 19.11
N ALA A 35 -18.83 -6.15 20.19
CA ALA A 35 -17.71 -5.36 20.70
C ALA A 35 -16.54 -5.41 19.70
N ILE A 36 -16.27 -6.59 19.13
CA ILE A 36 -15.18 -6.73 18.12
C ILE A 36 -15.55 -5.95 16.89
N LYS A 37 -16.79 -6.05 16.44
CA LYS A 37 -17.20 -5.23 15.29
C LYS A 37 -17.05 -3.74 15.53
N PHE A 38 -17.37 -3.28 16.72
CA PHE A 38 -17.24 -1.87 17.05
C PHE A 38 -15.76 -1.46 16.97
N TYR A 39 -14.91 -2.31 17.50
CA TYR A 39 -13.46 -2.10 17.39
C TYR A 39 -13.02 -1.95 15.93
N THR A 40 -13.45 -2.85 15.05
CA THR A 40 -13.00 -2.77 13.68
C THR A 40 -13.48 -1.51 12.99
N ARG A 41 -14.63 -0.98 13.38
CA ARG A 41 -15.14 0.23 12.73
C ARG A 41 -14.14 1.39 12.85
N ASP A 42 -13.54 1.50 14.02
CA ASP A 42 -12.49 2.52 14.26
C ASP A 42 -11.71 2.15 15.51
N ALA A 43 -10.56 1.51 15.34
CA ALA A 43 -9.81 0.94 16.47
C ALA A 43 -9.39 2.03 17.45
N SER A 44 -9.23 3.25 16.96
CA SER A 44 -8.84 4.38 17.81
C SER A 44 -9.78 4.67 18.95
N LYS A 45 -11.07 4.30 18.81
CA LYS A 45 -12.00 4.56 19.88
C LYS A 45 -11.81 3.67 21.09
N ILE A 46 -11.12 2.54 20.87
CA ILE A 46 -10.77 1.63 21.96
C ILE A 46 -9.26 1.77 22.36
N ASN A 47 -8.39 1.75 21.38
CA ASN A 47 -6.94 1.76 21.65
C ASN A 47 -6.48 3.12 22.16
N GLY A 48 -7.19 4.16 21.70
CA GLY A 48 -6.93 5.52 22.18
C GLY A 48 -7.05 5.64 23.70
N PRO A 49 -8.27 5.43 24.22
CA PRO A 49 -8.49 5.37 25.66
C PRO A 49 -7.56 4.39 26.39
N LEU A 50 -7.21 3.27 25.79
CA LEU A 50 -6.35 2.35 26.50
C LEU A 50 -4.95 3.00 26.65
N ARG A 51 -4.46 3.64 25.60
CA ARG A 51 -3.18 4.35 25.72
C ARG A 51 -3.24 5.50 26.72
N ALA A 52 -4.35 6.25 26.67
CA ALA A 52 -4.54 7.40 27.52
C ALA A 52 -4.48 7.02 28.98
N ASN A 53 -5.04 5.85 29.30
CA ASN A 53 -5.12 5.43 30.68
C ASN A 53 -4.05 4.43 31.04
N GLN A 54 -3.07 4.29 30.16
CA GLN A 54 -1.93 3.40 30.38
C GLN A 54 -2.39 2.00 30.82
N GLY A 55 -3.37 1.46 30.10
CA GLY A 55 -3.83 0.10 30.32
C GLY A 55 -4.70 -0.10 31.54
N ASN A 56 -4.90 0.95 32.34
CA ASN A 56 -5.74 0.87 33.53
C ASN A 56 -7.23 0.91 33.14
N GLU A 57 -7.86 -0.26 33.10
CA GLU A 57 -9.25 -0.33 32.65
C GLU A 57 -10.20 0.45 33.57
N ASN A 58 -9.85 0.57 34.84
CA ASN A 58 -10.69 1.33 35.77
C ASN A 58 -10.84 2.82 35.42
N GLY A 59 -9.94 3.35 34.60
CA GLY A 59 -10.05 4.74 34.21
C GLY A 59 -10.86 4.95 32.95
N LEU A 60 -11.29 3.87 32.31
CA LEU A 60 -12.00 3.99 31.05
C LEU A 60 -13.45 4.42 31.32
N PRO A 61 -14.04 5.15 30.40
CA PRO A 61 -15.49 5.44 30.43
C PRO A 61 -16.24 4.11 30.47
N ALA A 62 -17.35 4.07 31.20
CA ALA A 62 -18.07 2.80 31.40
C ALA A 62 -18.38 2.00 30.12
N ASP A 63 -18.76 2.68 29.04
CA ASP A 63 -19.16 2.01 27.82
C ASP A 63 -17.96 1.40 27.10
N ILE A 64 -16.84 2.09 27.17
CA ILE A 64 -15.61 1.55 26.58
C ILE A 64 -15.10 0.39 27.43
N LEU A 65 -15.14 0.55 28.75
CA LEU A 65 -14.72 -0.52 29.63
C LEU A 65 -15.47 -1.81 29.31
N GLN A 66 -16.77 -1.66 29.06
CA GLN A 66 -17.58 -2.84 28.82
C GLN A 66 -17.11 -3.54 27.53
N LYS A 67 -16.82 -2.77 26.50
CA LYS A 67 -16.34 -3.34 25.25
C LYS A 67 -14.95 -4.00 25.41
N VAL A 68 -14.06 -3.32 26.12
CA VAL A 68 -12.77 -3.95 26.47
C VAL A 68 -12.93 -5.27 27.20
N LYS A 69 -13.82 -5.33 28.19
CA LYS A 69 -13.97 -6.61 28.88
C LYS A 69 -14.45 -7.71 27.96
N LEU A 70 -15.38 -7.40 27.05
CA LEU A 70 -15.93 -8.44 26.13
C LEU A 70 -14.85 -8.89 25.15
N ILE A 71 -14.10 -7.93 24.62
CA ILE A 71 -13.03 -8.32 23.71
C ILE A 71 -12.01 -9.19 24.45
N ASP A 72 -11.61 -8.77 25.66
CA ASP A 72 -10.62 -9.55 26.44
C ASP A 72 -11.15 -10.98 26.67
N GLN A 73 -12.42 -11.06 27.03
CA GLN A 73 -13.07 -12.33 27.31
C GLN A 73 -13.13 -13.17 26.09
N SER A 74 -13.27 -12.55 24.91
CA SER A 74 -13.32 -13.33 23.67
C SER A 74 -12.05 -14.16 23.38
N PHE A 75 -10.89 -13.70 23.85
CA PHE A 75 -9.66 -14.46 23.62
C PHE A 75 -9.61 -15.77 24.39
N SER A 76 -10.55 -15.99 25.32
CA SER A 76 -10.68 -17.36 25.88
C SER A 76 -11.06 -18.37 24.82
N LYS A 77 -11.73 -17.90 23.77
CA LYS A 77 -12.17 -18.76 22.67
C LYS A 77 -11.29 -18.78 21.44
N MET A 78 -10.33 -17.85 21.35
CA MET A 78 -9.60 -17.63 20.10
C MET A 78 -8.10 -17.86 20.32
N LYS A 79 -7.62 -18.99 19.82
CA LYS A 79 -6.20 -19.40 19.91
C LYS A 79 -5.70 -19.83 18.54
N MET A 80 -4.44 -19.53 18.25
CA MET A 80 -3.84 -19.96 17.00
C MET A 80 -3.72 -21.49 16.97
N PRO A 81 -4.15 -22.10 15.87
CA PRO A 81 -4.07 -23.56 15.73
C PRO A 81 -2.72 -24.04 15.23
N GLN A 82 -1.88 -23.13 14.74
CA GLN A 82 -0.58 -23.54 14.23
C GLN A 82 0.32 -22.32 14.25
N ASN A 83 1.64 -22.53 14.09
CA ASN A 83 2.57 -21.41 14.01
C ASN A 83 2.24 -20.61 12.75
N ILE A 84 2.09 -19.29 12.85
CA ILE A 84 1.62 -18.56 11.70
C ILE A 84 2.29 -17.19 11.61
N ILE A 85 2.37 -16.65 10.41
CA ILE A 85 2.96 -15.33 10.18
C ILE A 85 1.81 -14.33 9.94
N LEU A 86 1.85 -13.18 10.63
CA LEU A 86 0.84 -12.13 10.46
C LEU A 86 1.57 -10.83 10.18
N PHE A 87 0.87 -9.85 9.62
CA PHE A 87 1.50 -8.61 9.18
C PHE A 87 0.79 -7.40 9.69
N ARG A 88 1.53 -6.32 9.93
CA ARG A 88 0.89 -5.05 10.31
C ARG A 88 1.66 -3.93 9.63
N GLY A 89 0.97 -2.93 9.12
CA GLY A 89 1.69 -1.76 8.59
C GLY A 89 1.63 -0.61 9.59
N ASP A 90 2.67 0.19 9.63
CA ASP A 90 2.67 1.30 10.58
C ASP A 90 3.28 2.56 9.98
N ASP A 91 2.96 3.68 10.61
CA ASP A 91 3.61 4.96 10.30
C ASP A 91 4.77 5.21 11.28
N PRO A 92 5.60 6.21 11.02
CA PRO A 92 6.76 6.53 11.88
C PRO A 92 6.48 6.77 13.34
N ALA A 93 5.25 7.17 13.68
CA ALA A 93 4.89 7.38 15.06
C ALA A 93 5.10 6.14 15.89
N TYR A 94 5.03 4.97 15.25
CA TYR A 94 5.23 3.70 15.94
C TYR A 94 6.57 3.63 16.67
N LEU A 95 7.57 4.31 16.13
CA LEU A 95 8.94 4.27 16.70
C LEU A 95 9.09 5.21 17.90
N GLY A 96 8.12 6.08 18.10
CA GLY A 96 8.16 6.99 19.22
C GLY A 96 8.56 8.40 18.86
N PRO A 97 8.34 9.32 19.80
CA PRO A 97 8.40 10.76 19.51
C PRO A 97 9.82 11.23 19.20
N GLU A 98 10.81 10.49 19.68
CA GLU A 98 12.19 10.90 19.47
C GLU A 98 12.69 10.51 18.09
N PHE A 99 11.90 9.71 17.37
CA PHE A 99 12.26 9.23 16.03
C PHE A 99 11.25 9.62 14.95
N GLN A 100 9.99 9.79 15.35
CA GLN A 100 8.89 10.08 14.41
C GLN A 100 9.30 11.04 13.31
N ASP A 101 9.99 12.11 13.67
CA ASP A 101 10.24 13.18 12.72
C ASP A 101 11.65 13.19 12.14
N LYS A 102 12.47 12.21 12.52
CA LYS A 102 13.85 12.16 12.04
C LYS A 102 14.15 10.90 11.22
N ILE A 103 13.31 9.89 11.33
CA ILE A 103 13.64 8.60 10.70
C ILE A 103 13.60 8.65 9.16
N LEU A 104 12.74 9.52 8.61
CA LEU A 104 12.61 9.65 7.16
C LEU A 104 13.35 10.89 6.69
N ASN A 105 14.20 10.74 5.68
CA ASN A 105 14.80 11.90 5.00
C ASN A 105 13.72 12.67 4.24
N LYS A 106 14.06 13.86 3.78
CA LYS A 106 13.12 14.69 3.04
C LYS A 106 12.59 13.97 1.81
N ASP A 107 13.45 13.14 1.20
CA ASP A 107 13.07 12.43 -0.02
C ASP A 107 12.37 11.07 0.20
N GLY A 108 11.97 10.79 1.44
CA GLY A 108 11.17 9.62 1.75
C GLY A 108 12.01 8.40 2.06
N THR A 109 13.32 8.49 1.87
CA THR A 109 14.20 7.36 2.20
C THR A 109 14.48 7.31 3.70
N ILE A 110 14.85 6.13 4.18
CA ILE A 110 15.11 5.96 5.61
C ILE A 110 16.51 6.55 5.92
N ASN A 111 16.59 7.40 6.93
CA ASN A 111 17.88 7.95 7.36
C ASN A 111 18.73 6.88 8.04
N LYS A 112 19.82 6.47 7.37
CA LYS A 112 20.64 5.35 7.84
C LYS A 112 21.27 5.60 9.20
N THR A 113 21.66 6.84 9.46
CA THR A 113 22.29 7.14 10.75
C THR A 113 21.31 7.08 11.91
N VAL A 114 20.13 7.62 11.74
CA VAL A 114 19.13 7.55 12.79
C VAL A 114 18.65 6.13 12.97
N PHE A 115 18.64 5.36 11.88
CA PHE A 115 18.21 3.96 11.96
C PHE A 115 19.11 3.18 12.93
N GLU A 116 20.39 3.57 13.03
CA GLU A 116 21.26 2.86 13.96
C GLU A 116 20.80 3.08 15.36
N GLN A 117 20.28 4.27 15.65
CA GLN A 117 19.76 4.55 16.99
C GLN A 117 18.44 3.80 17.25
N VAL A 118 17.63 3.66 16.21
CA VAL A 118 16.38 2.88 16.33
C VAL A 118 16.72 1.45 16.66
N LYS A 119 17.67 0.88 15.95
CA LYS A 119 18.11 -0.47 16.29
C LYS A 119 18.56 -0.59 17.74
N ALA A 120 19.32 0.38 18.22
CA ALA A 120 19.83 0.32 19.57
C ALA A 120 18.71 0.29 20.59
N LYS A 121 17.64 1.03 20.30
CA LYS A 121 16.50 1.10 21.19
C LYS A 121 15.66 -0.17 21.18
N PHE A 122 15.50 -0.79 20.01
CA PHE A 122 14.47 -1.82 19.85
C PHE A 122 14.97 -3.21 19.52
N LEU A 123 16.13 -3.33 18.86
CA LEU A 123 16.52 -4.61 18.33
C LEU A 123 16.92 -5.59 19.47
N LYS A 124 16.40 -6.82 19.40
CA LYS A 124 16.55 -7.82 20.47
C LYS A 124 16.03 -7.39 21.83
N LYS A 125 14.93 -6.62 21.88
CA LYS A 125 14.32 -6.25 23.11
C LYS A 125 12.84 -6.50 22.96
N ASP A 126 12.13 -6.48 24.08
CA ASP A 126 10.68 -6.74 24.09
C ASP A 126 9.98 -5.42 23.98
N ARG A 127 8.73 -5.44 23.51
CA ARG A 127 7.98 -4.19 23.53
C ARG A 127 6.57 -4.64 23.88
N THR A 128 5.83 -3.81 24.60
CA THR A 128 4.43 -4.16 24.91
C THR A 128 3.59 -2.96 24.58
N GLU A 129 2.41 -3.21 23.99
CA GLU A 129 1.55 -2.07 23.59
C GLU A 129 0.30 -2.08 24.42
N TYR A 130 -0.29 -0.92 24.67
CA TYR A 130 -1.48 -0.86 25.50
C TYR A 130 -2.71 -1.26 24.70
N GLY A 131 -2.66 -1.03 23.40
CA GLY A 131 -3.80 -1.30 22.53
C GLY A 131 -3.81 -2.75 22.08
N TYR A 132 -4.95 -3.20 21.56
CA TYR A 132 -5.01 -4.49 20.88
C TYR A 132 -4.15 -4.36 19.65
N ILE A 133 -3.66 -5.47 19.14
CA ILE A 133 -2.91 -5.42 17.89
C ILE A 133 -3.72 -5.98 16.73
N SER A 134 -3.97 -5.15 15.74
CA SER A 134 -4.61 -5.55 14.50
C SER A 134 -3.59 -5.94 13.44
N THR A 135 -3.70 -7.15 12.90
CA THR A 135 -2.81 -7.63 11.84
C THR A 135 -3.66 -8.15 10.71
N SER A 136 -3.01 -8.49 9.60
CA SER A 136 -3.65 -9.24 8.54
C SER A 136 -2.89 -10.54 8.25
N LEU A 137 -3.60 -11.52 7.76
CA LEU A 137 -2.97 -12.75 7.25
C LEU A 137 -2.09 -12.45 6.03
N MET A 138 -2.30 -11.32 5.37
CA MET A 138 -1.50 -11.04 4.17
C MET A 138 -0.79 -9.71 4.22
N SER A 139 0.32 -9.59 3.51
CA SER A 139 1.14 -8.39 3.63
C SER A 139 0.88 -7.38 2.53
N ALA A 140 0.26 -7.82 1.44
CA ALA A 140 0.13 -6.99 0.23
C ALA A 140 -0.36 -5.57 0.48
N GLN A 141 -1.36 -5.45 1.34
CA GLN A 141 -2.01 -4.19 1.58
C GLN A 141 -1.12 -3.19 2.31
N PHE A 142 0.02 -3.64 2.81
CA PHE A 142 0.91 -2.76 3.57
C PHE A 142 2.13 -2.34 2.77
N GLY A 143 2.11 -2.66 1.47
CA GLY A 143 3.24 -2.43 0.60
C GLY A 143 3.76 -1.02 0.50
N GLY A 144 2.91 -0.03 0.72
CA GLY A 144 3.41 1.33 0.69
C GLY A 144 3.54 2.02 2.03
N ARG A 145 3.51 1.25 3.12
CA ARG A 145 3.65 1.83 4.46
C ARG A 145 5.14 1.96 4.77
N PRO A 146 5.53 2.95 5.56
CA PRO A 146 6.94 3.14 5.90
C PRO A 146 7.51 2.05 6.83
N ILE A 147 6.64 1.42 7.63
CA ILE A 147 7.10 0.34 8.53
C ILE A 147 6.19 -0.85 8.35
N VAL A 148 6.75 -2.03 8.14
CA VAL A 148 5.94 -3.24 8.07
C VAL A 148 6.51 -4.23 9.07
N THR A 149 5.63 -4.77 9.90
CA THR A 149 6.05 -5.75 10.88
C THR A 149 5.50 -7.12 10.49
N LYS A 150 6.36 -8.11 10.52
CA LYS A 150 5.97 -9.50 10.34
C LYS A 150 6.03 -10.13 11.73
N PHE A 151 4.88 -10.60 12.21
CA PHE A 151 4.80 -11.21 13.54
C PHE A 151 4.84 -12.72 13.32
N LYS A 152 5.74 -13.41 14.01
CA LYS A 152 5.75 -14.86 14.03
C LYS A 152 5.09 -15.28 15.32
N VAL A 153 3.90 -15.89 15.19
CA VAL A 153 3.10 -16.23 16.33
C VAL A 153 2.96 -17.75 16.45
N THR A 154 3.28 -18.27 17.63
CA THR A 154 3.26 -19.71 17.80
C THR A 154 1.87 -20.28 18.04
N ASN A 155 1.71 -21.51 17.59
CA ASN A 155 0.55 -22.32 17.96
C ASN A 155 0.19 -22.15 19.45
N GLY A 156 -1.09 -21.91 19.75
CA GLY A 156 -1.54 -21.87 21.14
C GLY A 156 -1.66 -20.43 21.67
N SER A 157 -1.10 -19.49 20.91
CA SER A 157 -1.06 -18.08 21.30
C SER A 157 -2.47 -17.51 21.14
N LYS A 158 -2.83 -16.56 21.98
CA LYS A 158 -4.15 -15.92 21.85
C LYS A 158 -4.24 -15.07 20.59
N GLY A 159 -5.38 -15.12 19.92
CA GLY A 159 -5.53 -14.41 18.68
C GLY A 159 -6.58 -15.06 17.80
N GLY A 160 -7.31 -14.23 17.08
CA GLY A 160 -8.40 -14.74 16.26
C GLY A 160 -8.63 -14.02 14.95
N TYR A 161 -9.07 -14.80 13.98
CA TYR A 161 -9.50 -14.30 12.68
C TYR A 161 -10.91 -13.75 12.80
N ILE A 162 -11.09 -12.46 12.56
CA ILE A 162 -12.38 -11.79 12.79
C ILE A 162 -13.01 -11.19 11.54
N ASP A 163 -12.45 -11.53 10.38
CA ASP A 163 -12.97 -11.00 9.12
C ASP A 163 -14.51 -11.17 8.98
N PRO A 164 -15.08 -12.32 9.31
CA PRO A 164 -16.53 -12.52 9.17
C PRO A 164 -17.39 -11.59 10.01
N ILE A 165 -16.83 -10.97 11.04
CA ILE A 165 -17.61 -10.00 11.80
C ILE A 165 -17.07 -8.60 11.74
N SER A 166 -16.08 -8.35 10.87
CA SER A 166 -15.53 -7.01 10.76
C SER A 166 -16.44 -6.01 10.05
N TYR A 167 -16.31 -4.76 10.44
CA TYR A 167 -16.96 -3.69 9.70
C TYR A 167 -16.39 -3.58 8.27
N PHE A 168 -15.15 -4.04 8.08
CA PHE A 168 -14.47 -3.91 6.78
C PHE A 168 -14.04 -5.29 6.28
N PRO A 169 -14.97 -6.06 5.75
CA PRO A 169 -14.65 -7.42 5.29
C PRO A 169 -13.63 -7.40 4.13
N GLY A 170 -12.74 -8.39 4.13
CA GLY A 170 -11.75 -8.47 3.08
C GLY A 170 -10.40 -8.02 3.54
N GLN A 171 -10.32 -7.43 4.75
CA GLN A 171 -9.02 -7.06 5.30
C GLN A 171 -8.27 -8.28 5.84
N LEU A 172 -8.97 -9.40 6.06
CA LEU A 172 -8.39 -10.64 6.59
C LEU A 172 -7.73 -10.37 7.95
N GLU A 173 -8.42 -9.62 8.79
CA GLU A 173 -7.87 -9.19 10.07
C GLU A 173 -7.76 -10.31 11.09
N VAL A 174 -6.59 -10.45 11.71
CA VAL A 174 -6.43 -11.23 12.93
C VAL A 174 -6.14 -10.30 14.11
N LEU A 175 -6.95 -10.41 15.16
CA LEU A 175 -6.84 -9.55 16.35
C LEU A 175 -6.06 -10.23 17.46
N LEU A 176 -5.09 -9.52 18.05
CA LEU A 176 -4.29 -10.07 19.15
C LEU A 176 -4.59 -9.23 20.36
N PRO A 177 -4.41 -9.83 21.54
CA PRO A 177 -4.73 -9.18 22.81
C PRO A 177 -3.97 -7.92 23.06
N ARG A 178 -4.52 -7.11 23.95
CA ARG A 178 -3.84 -5.91 24.42
C ARG A 178 -2.82 -6.28 25.48
N ASN A 179 -1.94 -5.34 25.81
CA ASN A 179 -0.87 -5.57 26.79
C ASN A 179 -0.01 -6.80 26.42
N ASN A 180 0.19 -6.98 25.13
CA ASN A 180 0.74 -8.19 24.61
C ASN A 180 2.24 -7.94 24.32
N SER A 181 3.13 -8.68 24.95
CA SER A 181 4.58 -8.41 24.77
C SER A 181 5.07 -9.17 23.53
N TYR A 182 5.91 -8.54 22.71
CA TYR A 182 6.54 -9.24 21.60
C TYR A 182 8.03 -8.90 21.61
N TYR A 183 8.80 -9.83 21.08
CA TYR A 183 10.26 -9.70 20.99
C TYR A 183 10.65 -9.30 19.57
N ILE A 184 11.39 -8.21 19.42
CA ILE A 184 11.87 -7.81 18.11
C ILE A 184 13.17 -8.51 17.75
N SER A 185 13.12 -9.47 16.82
CA SER A 185 14.30 -10.29 16.52
C SER A 185 15.13 -9.76 15.35
N ASP A 186 14.53 -8.91 14.53
CA ASP A 186 15.25 -8.36 13.36
C ASP A 186 14.66 -7.05 12.92
N MET A 187 15.49 -6.15 12.40
CA MET A 187 15.01 -4.91 11.78
C MET A 187 15.94 -4.60 10.64
N GLN A 188 15.36 -4.31 9.48
CA GLN A 188 16.16 -4.03 8.28
C GLN A 188 15.56 -2.92 7.48
N ILE A 189 16.40 -2.25 6.71
CA ILE A 189 15.88 -1.32 5.71
C ILE A 189 15.61 -2.13 4.44
N SER A 190 14.48 -1.88 3.80
CA SER A 190 14.11 -2.64 2.61
C SER A 190 15.03 -2.27 1.44
N PRO A 191 15.11 -3.15 0.45
CA PRO A 191 15.90 -2.89 -0.76
C PRO A 191 15.62 -1.54 -1.46
N ASN A 192 14.39 -1.01 -1.41
CA ASN A 192 14.14 0.28 -2.07
C ASN A 192 14.51 1.48 -1.19
N ASN A 193 14.98 1.20 0.02
CA ASN A 193 15.38 2.27 0.96
C ASN A 193 14.27 3.14 1.50
N ARG A 194 13.03 2.69 1.37
CA ARG A 194 11.92 3.54 1.77
C ARG A 194 11.05 2.87 2.83
N GLN A 195 11.48 1.72 3.30
CA GLN A 195 10.66 0.98 4.27
C GLN A 195 11.54 0.35 5.33
N ILE A 196 11.04 0.29 6.57
CA ILE A 196 11.68 -0.49 7.60
C ILE A 196 10.87 -1.79 7.78
N MET A 197 11.57 -2.90 7.76
CA MET A 197 10.95 -4.21 7.98
C MET A 197 11.34 -4.77 9.33
N ILE A 198 10.33 -5.03 10.16
CA ILE A 198 10.54 -5.56 11.49
C ILE A 198 10.03 -6.99 11.59
N THR A 199 10.82 -7.84 12.24
CA THR A 199 10.37 -9.18 12.56
C THR A 199 10.17 -9.26 14.06
N ALA A 200 9.00 -9.76 14.49
CA ALA A 200 8.73 -9.83 15.92
C ALA A 200 8.14 -11.20 16.23
N MET A 201 8.40 -11.66 17.45
CA MET A 201 7.91 -12.96 17.88
C MET A 201 6.95 -12.92 19.07
N ILE A 202 5.89 -13.72 18.97
CA ILE A 202 4.95 -13.87 20.04
C ILE A 202 4.76 -15.34 20.36
N PHE A 203 4.76 -15.67 21.65
CA PHE A 203 4.70 -17.04 22.13
C PHE A 203 3.51 -17.33 23.07
N LYS A 204 2.64 -16.35 23.27
CA LYS A 204 1.49 -16.55 24.16
C LYS A 204 0.35 -15.67 23.69
N THR B 5 4.49 -12.46 -24.00
CA THR B 5 5.25 -12.43 -22.71
C THR B 5 6.08 -11.15 -22.53
N PHE B 6 5.67 -10.36 -21.55
CA PHE B 6 6.30 -9.11 -21.21
C PHE B 6 7.17 -9.30 -19.97
N THR B 7 8.18 -8.46 -19.79
CA THR B 7 9.04 -8.56 -18.60
C THR B 7 8.34 -7.96 -17.39
N GLU B 8 8.23 -8.74 -16.33
CA GLU B 8 7.76 -8.22 -15.05
C GLU B 8 8.88 -8.40 -14.04
N PHE B 9 9.33 -7.30 -13.44
CA PHE B 9 10.30 -7.34 -12.37
C PHE B 9 9.62 -7.59 -11.03
N THR B 10 10.19 -8.49 -10.23
CA THR B 10 9.55 -8.89 -8.97
C THR B 10 10.55 -8.75 -7.85
N ASN B 11 11.72 -8.20 -8.18
CA ASN B 11 12.80 -8.09 -7.24
C ASN B 11 13.42 -6.72 -7.42
N VAL B 12 13.48 -5.93 -6.35
CA VAL B 12 13.94 -4.54 -6.45
C VAL B 12 15.33 -4.43 -7.06
N GLU B 13 16.21 -5.36 -6.71
CA GLU B 13 17.58 -5.34 -7.15
C GLU B 13 17.70 -5.46 -8.67
N GLU B 14 16.94 -6.40 -9.23
CA GLU B 14 16.97 -6.65 -10.67
C GLU B 14 16.36 -5.45 -11.41
N ALA B 15 15.32 -4.88 -10.81
CA ALA B 15 14.64 -3.75 -11.43
C ALA B 15 15.56 -2.53 -11.51
N LYS B 16 16.28 -2.24 -10.42
CA LYS B 16 17.19 -1.10 -10.39
C LYS B 16 18.30 -1.33 -11.41
N LYS B 17 18.78 -2.57 -11.48
CA LYS B 17 19.80 -2.95 -12.45
C LYS B 17 19.34 -2.73 -13.89
N TRP B 18 18.13 -3.19 -14.23
CA TRP B 18 17.58 -2.95 -15.58
C TRP B 18 17.38 -1.46 -15.84
N GLY B 19 16.72 -0.79 -14.91
CA GLY B 19 16.46 0.63 -15.06
C GLY B 19 17.74 1.42 -15.31
N ASN B 20 18.71 1.24 -14.41
CA ASN B 20 19.97 1.99 -14.49
C ASN B 20 20.68 1.74 -15.81
N ALA B 21 20.66 0.49 -16.25
CA ALA B 21 21.28 0.14 -17.52
C ALA B 21 20.70 0.95 -18.67
N GLN B 22 19.38 1.14 -18.66
CA GLN B 22 18.74 1.93 -19.69
C GLN B 22 18.96 3.42 -19.50
N TYR B 23 18.90 3.87 -18.25
CA TYR B 23 19.00 5.30 -17.97
C TYR B 23 20.37 5.87 -18.42
N LYS B 24 21.40 5.05 -18.33
CA LYS B 24 22.75 5.45 -18.76
C LYS B 24 22.80 5.75 -20.27
N LYS B 25 21.89 5.16 -21.03
CA LYS B 25 21.86 5.34 -22.47
C LYS B 25 21.13 6.62 -22.91
N TYR B 26 20.24 7.14 -22.07
CA TYR B 26 19.38 8.26 -22.50
C TYR B 26 20.15 9.53 -22.90
N GLY B 27 21.14 9.91 -22.09
CA GLY B 27 21.85 11.16 -22.30
C GLY B 27 20.96 12.37 -22.15
N LEU B 28 20.13 12.39 -21.11
CA LEU B 28 19.29 13.54 -20.84
C LEU B 28 20.20 14.73 -20.60
N SER B 29 19.76 15.91 -21.01
CA SER B 29 20.50 17.16 -20.79
C SER B 29 20.18 17.70 -19.40
N LYS B 30 20.98 18.66 -18.95
CA LYS B 30 20.73 19.26 -17.65
C LYS B 30 19.33 19.84 -17.55
N PRO B 31 18.91 20.57 -18.57
CA PRO B 31 17.57 21.17 -18.53
C PRO B 31 16.42 20.13 -18.53
N GLU B 32 16.57 19.06 -19.29
CA GLU B 32 15.57 18.00 -19.29
C GLU B 32 15.53 17.33 -17.91
N GLN B 33 16.69 16.97 -17.38
CA GLN B 33 16.75 16.37 -16.05
C GLN B 33 16.10 17.28 -15.01
N GLU B 34 16.38 18.58 -15.07
CA GLU B 34 15.79 19.47 -14.08
C GLU B 34 14.27 19.59 -14.22
N ALA B 35 13.78 19.42 -15.45
CA ALA B 35 12.33 19.50 -15.67
C ALA B 35 11.66 18.25 -15.10
N ILE B 36 12.28 17.10 -15.34
CA ILE B 36 11.71 15.86 -14.84
C ILE B 36 11.76 15.85 -13.30
N LYS B 37 12.90 16.22 -12.72
CA LYS B 37 12.94 16.31 -11.24
C LYS B 37 11.82 17.15 -10.67
N PHE B 38 11.61 18.33 -11.24
CA PHE B 38 10.52 19.20 -10.80
C PHE B 38 9.18 18.48 -10.87
N TYR B 39 8.97 17.75 -11.97
CA TYR B 39 7.76 16.95 -12.09
C TYR B 39 7.67 15.94 -10.93
N THR B 40 8.72 15.17 -10.67
CA THR B 40 8.61 14.17 -9.60
C THR B 40 8.35 14.76 -8.19
N ARG B 41 8.75 16.00 -7.97
CA ARG B 41 8.55 16.62 -6.64
C ARG B 41 7.07 16.79 -6.30
N ASP B 42 6.27 17.10 -7.31
CA ASP B 42 4.82 17.16 -7.16
C ASP B 42 4.21 17.14 -8.55
N ALA B 43 3.78 15.97 -9.00
CA ALA B 43 3.35 15.80 -10.37
C ALA B 43 2.09 16.60 -10.66
N SER B 44 1.26 16.76 -9.63
CA SER B 44 -0.03 17.42 -9.79
C SER B 44 0.09 18.89 -10.25
N LYS B 45 1.22 19.52 -9.95
CA LYS B 45 1.47 20.89 -10.42
C LYS B 45 1.66 20.95 -11.93
N ILE B 46 1.85 19.80 -12.55
CA ILE B 46 1.97 19.74 -14.00
C ILE B 46 0.76 19.03 -14.60
N ASN B 47 0.39 17.89 -14.03
CA ASN B 47 -0.76 17.14 -14.52
C ASN B 47 -2.11 17.84 -14.22
N GLY B 48 -2.15 18.62 -13.15
CA GLY B 48 -3.38 19.33 -12.79
C GLY B 48 -3.87 20.24 -13.90
N PRO B 49 -3.04 21.22 -14.25
CA PRO B 49 -3.30 22.15 -15.36
C PRO B 49 -3.48 21.44 -16.71
N LEU B 50 -2.68 20.41 -16.97
CA LEU B 50 -2.76 19.69 -18.23
C LEU B 50 -4.15 19.09 -18.42
N ARG B 51 -4.65 18.42 -17.39
CA ARG B 51 -5.97 17.78 -17.46
C ARG B 51 -7.11 18.81 -17.48
N ALA B 52 -6.86 20.00 -16.93
CA ALA B 52 -7.88 21.05 -16.94
C ALA B 52 -8.04 21.66 -18.33
N ASN B 53 -6.93 21.92 -19.02
CA ASN B 53 -6.95 22.50 -20.35
C ASN B 53 -7.23 21.46 -21.41
N GLN B 54 -7.63 20.26 -21.00
CA GLN B 54 -7.81 19.15 -21.93
C GLN B 54 -6.55 18.98 -22.77
N GLY B 55 -5.39 19.16 -22.14
CA GLY B 55 -4.12 18.95 -22.81
C GLY B 55 -3.67 20.11 -23.66
N ASN B 56 -4.39 21.23 -23.54
CA ASN B 56 -4.08 22.42 -24.31
C ASN B 56 -3.02 23.26 -23.61
N GLU B 57 -1.76 23.09 -24.02
CA GLU B 57 -0.65 23.80 -23.39
C GLU B 57 -0.74 25.31 -23.60
N ASN B 58 -1.42 25.72 -24.66
CA ASN B 58 -1.62 27.13 -24.96
C ASN B 58 -2.28 27.87 -23.80
N GLY B 59 -2.91 27.13 -22.90
CA GLY B 59 -3.58 27.70 -21.76
C GLY B 59 -2.87 27.46 -20.43
N LEU B 60 -1.59 27.09 -20.53
CA LEU B 60 -0.77 26.86 -19.34
C LEU B 60 0.14 28.06 -19.07
N PRO B 61 0.44 28.30 -17.80
CA PRO B 61 1.39 29.35 -17.40
C PRO B 61 2.77 29.09 -18.01
N ALA B 62 3.58 30.14 -18.14
CA ALA B 62 4.87 30.03 -18.81
C ALA B 62 5.90 29.20 -18.04
N ASP B 63 5.81 29.22 -16.71
CA ASP B 63 6.69 28.40 -15.88
C ASP B 63 6.35 26.92 -16.01
N ILE B 64 5.05 26.60 -15.99
CA ILE B 64 4.61 25.22 -16.21
C ILE B 64 4.87 24.82 -17.67
N LEU B 65 4.54 25.73 -18.59
CA LEU B 65 4.73 25.50 -20.00
C LEU B 65 6.17 25.15 -20.36
N GLN B 66 7.13 25.87 -19.77
CA GLN B 66 8.55 25.67 -20.07
C GLN B 66 9.06 24.27 -19.71
N LYS B 67 8.66 23.77 -18.54
CA LYS B 67 9.04 22.41 -18.14
C LYS B 67 8.36 21.35 -19.00
N VAL B 68 7.06 21.54 -19.25
CA VAL B 68 6.31 20.63 -20.10
C VAL B 68 6.98 20.41 -21.44
N LYS B 69 7.48 21.49 -22.05
CA LYS B 69 8.13 21.35 -23.35
C LYS B 69 9.43 20.57 -23.22
N LEU B 70 10.10 20.73 -22.09
CA LEU B 70 11.36 20.03 -21.85
C LEU B 70 11.14 18.55 -21.62
N ILE B 71 10.11 18.23 -20.83
CA ILE B 71 9.72 16.85 -20.64
C ILE B 71 9.32 16.19 -21.97
N ASP B 72 8.41 16.81 -22.72
CA ASP B 72 8.10 16.29 -24.06
C ASP B 72 9.35 15.98 -24.85
N GLN B 73 10.29 16.94 -24.90
CA GLN B 73 11.52 16.74 -25.69
C GLN B 73 12.24 15.50 -25.24
N SER B 74 12.32 15.34 -23.91
CA SER B 74 13.11 14.26 -23.36
C SER B 74 12.69 12.90 -23.91
N PHE B 75 11.43 12.75 -24.29
CA PHE B 75 10.98 11.44 -24.80
C PHE B 75 11.59 11.02 -26.16
N SER B 76 12.17 11.97 -26.89
CA SER B 76 12.92 11.62 -28.09
C SER B 76 14.05 10.66 -27.75
N LYS B 77 14.50 10.72 -26.51
CA LYS B 77 15.67 9.97 -26.05
C LYS B 77 15.33 8.69 -25.28
N MET B 78 14.07 8.54 -24.88
CA MET B 78 13.68 7.44 -23.98
C MET B 78 12.60 6.54 -24.58
N LYS B 79 12.97 5.29 -24.88
CA LYS B 79 12.02 4.35 -25.46
C LYS B 79 12.22 3.04 -24.73
N MET B 80 11.16 2.25 -24.64
CA MET B 80 11.26 0.93 -24.01
C MET B 80 12.12 0.01 -24.86
N PRO B 81 13.05 -0.71 -24.24
CA PRO B 81 13.94 -1.62 -24.96
C PRO B 81 13.36 -3.02 -25.09
N GLN B 82 12.19 -3.26 -24.51
CA GLN B 82 11.59 -4.59 -24.55
C GLN B 82 10.16 -4.52 -24.10
N ASN B 83 9.40 -5.57 -24.37
CA ASN B 83 8.02 -5.63 -23.93
C ASN B 83 8.10 -5.69 -22.40
N ILE B 84 7.35 -4.84 -21.71
CA ILE B 84 7.53 -4.73 -20.26
C ILE B 84 6.22 -4.44 -19.56
N ILE B 85 6.11 -4.90 -18.31
CA ILE B 85 4.93 -4.57 -17.50
C ILE B 85 5.24 -3.43 -16.51
N LEU B 86 4.32 -2.47 -16.42
CA LEU B 86 4.44 -1.34 -15.49
C LEU B 86 3.20 -1.21 -14.66
N PHE B 87 3.31 -0.59 -13.49
CA PHE B 87 2.22 -0.55 -12.53
C PHE B 87 1.96 0.87 -12.06
N ARG B 88 0.71 1.12 -11.69
CA ARG B 88 0.25 2.38 -11.16
C ARG B 88 -0.84 2.11 -10.14
N GLY B 89 -0.96 2.94 -9.10
CA GLY B 89 -2.08 2.87 -8.18
C GLY B 89 -2.91 4.13 -8.36
N ASP B 90 -4.20 4.03 -8.10
CA ASP B 90 -5.09 5.19 -8.23
C ASP B 90 -6.23 5.13 -7.21
N ASP B 91 -6.82 6.29 -6.97
CA ASP B 91 -8.02 6.42 -6.18
C ASP B 91 -9.25 6.40 -7.08
N PRO B 92 -10.43 6.27 -6.48
CA PRO B 92 -11.67 6.21 -7.25
C PRO B 92 -11.89 7.40 -8.24
N ALA B 93 -11.38 8.59 -7.95
CA ALA B 93 -11.54 9.72 -8.89
C ALA B 93 -10.99 9.42 -10.28
N TYR B 94 -10.07 8.46 -10.39
CA TYR B 94 -9.57 8.07 -11.68
C TYR B 94 -10.69 7.63 -12.63
N LEU B 95 -11.80 7.13 -12.07
CA LEU B 95 -12.91 6.61 -12.87
C LEU B 95 -13.85 7.73 -13.31
N GLY B 96 -13.63 8.95 -12.81
CA GLY B 96 -14.46 10.09 -13.17
C GLY B 96 -15.57 10.38 -12.17
N PRO B 97 -16.15 11.56 -12.29
CA PRO B 97 -17.14 12.08 -11.32
C PRO B 97 -18.44 11.26 -11.20
N GLU B 98 -18.81 10.54 -12.25
CA GLU B 98 -20.02 9.72 -12.22
C GLU B 98 -19.83 8.46 -11.37
N PHE B 99 -18.58 8.04 -11.16
CA PHE B 99 -18.32 6.80 -10.41
C PHE B 99 -17.59 7.01 -9.08
N GLN B 100 -16.84 8.10 -9.01
CA GLN B 100 -16.07 8.52 -7.85
C GLN B 100 -16.65 8.16 -6.49
N ASP B 101 -17.90 8.53 -6.25
CA ASP B 101 -18.52 8.34 -4.94
C ASP B 101 -19.46 7.15 -4.91
N LYS B 102 -19.51 6.41 -6.00
CA LYS B 102 -20.43 5.29 -6.12
C LYS B 102 -19.72 3.93 -6.12
N ILE B 103 -18.48 3.88 -6.60
CA ILE B 103 -17.83 2.60 -6.83
C ILE B 103 -17.53 1.82 -5.54
N LEU B 104 -17.36 2.52 -4.42
CA LEU B 104 -17.07 1.83 -3.16
C LEU B 104 -18.28 1.78 -2.25
N ASN B 105 -18.52 0.62 -1.63
CA ASN B 105 -19.53 0.55 -0.58
C ASN B 105 -19.04 1.21 0.69
N LYS B 106 -19.95 1.39 1.65
CA LYS B 106 -19.56 1.99 2.92
C LYS B 106 -18.45 1.19 3.61
N ASP B 107 -18.52 -0.12 3.50
CA ASP B 107 -17.53 -0.99 4.13
C ASP B 107 -16.23 -1.11 3.31
N GLY B 108 -16.14 -0.35 2.22
CA GLY B 108 -14.92 -0.25 1.45
C GLY B 108 -14.76 -1.35 0.42
N THR B 109 -15.77 -2.19 0.26
CA THR B 109 -15.75 -3.18 -0.82
C THR B 109 -16.26 -2.54 -2.12
N ILE B 110 -15.95 -3.18 -3.25
CA ILE B 110 -16.40 -2.68 -4.54
C ILE B 110 -17.88 -2.95 -4.72
N ASN B 111 -18.65 -1.90 -4.97
CA ASN B 111 -20.06 -2.09 -5.36
C ASN B 111 -20.18 -2.84 -6.70
N LYS B 112 -20.65 -4.08 -6.62
CA LYS B 112 -20.69 -4.96 -7.78
C LYS B 112 -21.58 -4.47 -8.90
N THR B 113 -22.66 -3.78 -8.56
CA THR B 113 -23.59 -3.35 -9.62
C THR B 113 -23.04 -2.13 -10.34
N VAL B 114 -22.46 -1.20 -9.59
CA VAL B 114 -21.82 -0.06 -10.20
C VAL B 114 -20.62 -0.47 -11.06
N PHE B 115 -19.92 -1.54 -10.66
CA PHE B 115 -18.78 -2.05 -11.42
C PHE B 115 -19.22 -2.47 -12.80
N GLU B 116 -20.48 -2.89 -12.94
CA GLU B 116 -20.99 -3.26 -14.27
C GLU B 116 -21.07 -2.06 -15.18
N GLN B 117 -21.40 -0.90 -14.62
CA GLN B 117 -21.44 0.31 -15.41
C GLN B 117 -20.04 0.81 -15.75
N VAL B 118 -19.09 0.60 -14.84
CA VAL B 118 -17.69 0.96 -15.11
C VAL B 118 -17.14 0.17 -16.30
N LYS B 119 -17.40 -1.12 -16.29
CA LYS B 119 -16.93 -1.95 -17.36
C LYS B 119 -17.57 -1.47 -18.67
N ALA B 120 -18.85 -1.12 -18.62
CA ALA B 120 -19.53 -0.75 -19.87
C ALA B 120 -18.86 0.49 -20.45
N LYS B 121 -18.48 1.41 -19.57
CA LYS B 121 -17.87 2.65 -19.99
C LYS B 121 -16.42 2.47 -20.45
N PHE B 122 -15.66 1.62 -19.77
CA PHE B 122 -14.21 1.59 -19.98
C PHE B 122 -13.69 0.31 -20.62
N LEU B 123 -14.41 -0.80 -20.52
CA LEU B 123 -13.79 -2.07 -20.91
C LEU B 123 -13.63 -2.25 -22.44
N LYS B 124 -12.46 -2.75 -22.84
CA LYS B 124 -12.15 -3.01 -24.26
C LYS B 124 -12.38 -1.77 -25.09
N LYS B 125 -11.99 -0.63 -24.53
CA LYS B 125 -12.01 0.64 -25.23
C LYS B 125 -10.67 1.31 -24.96
N ASP B 126 -10.27 2.28 -25.78
CA ASP B 126 -9.06 3.00 -25.43
C ASP B 126 -9.44 4.22 -24.61
N ARG B 127 -8.46 4.77 -23.92
CA ARG B 127 -8.68 5.90 -23.05
C ARG B 127 -7.50 6.85 -23.24
N THR B 128 -7.74 8.16 -23.09
CA THR B 128 -6.68 9.14 -23.29
C THR B 128 -6.34 9.88 -22.00
N GLU B 129 -5.06 9.94 -21.66
CA GLU B 129 -4.66 10.69 -20.47
C GLU B 129 -4.01 12.01 -20.88
N TYR B 130 -4.51 13.13 -20.37
CA TYR B 130 -3.92 14.44 -20.68
C TYR B 130 -2.63 14.70 -19.92
N GLY B 131 -2.51 14.17 -18.71
CA GLY B 131 -1.31 14.35 -17.92
C GLY B 131 -0.24 13.35 -18.32
N TYR B 132 0.97 13.47 -17.75
CA TYR B 132 1.95 12.42 -17.98
C TYR B 132 1.52 11.20 -17.15
N ILE B 133 1.99 10.02 -17.53
CA ILE B 133 1.71 8.83 -16.71
C ILE B 133 2.92 8.34 -15.91
N SER B 134 2.85 8.52 -14.60
CA SER B 134 3.90 7.97 -13.72
C SER B 134 3.55 6.54 -13.34
N THR B 135 4.49 5.63 -13.54
CA THR B 135 4.31 4.23 -13.15
C THR B 135 5.52 3.76 -12.37
N SER B 136 5.52 2.50 -11.97
CA SER B 136 6.70 1.90 -11.35
C SER B 136 6.94 0.53 -11.95
N LEU B 137 8.21 0.09 -11.92
CA LEU B 137 8.55 -1.26 -12.33
C LEU B 137 7.96 -2.31 -11.42
N MET B 138 7.62 -1.92 -10.20
CA MET B 138 7.03 -2.89 -9.26
C MET B 138 5.64 -2.49 -8.78
N SER B 139 4.86 -3.49 -8.35
CA SER B 139 3.49 -3.27 -7.94
C SER B 139 3.35 -3.17 -6.43
N ALA B 140 4.36 -3.63 -5.69
CA ALA B 140 4.21 -3.82 -4.24
C ALA B 140 3.67 -2.57 -3.53
N GLN B 141 4.22 -1.42 -3.88
CA GLN B 141 3.85 -0.19 -3.19
C GLN B 141 2.39 0.21 -3.42
N PHE B 142 1.71 -0.44 -4.38
CA PHE B 142 0.31 -0.06 -4.67
C PHE B 142 -0.69 -1.04 -4.07
N GLY B 143 -0.19 -2.00 -3.31
CA GLY B 143 -1.05 -3.02 -2.72
C GLY B 143 -2.27 -2.57 -1.94
N GLY B 144 -2.23 -1.39 -1.36
CA GLY B 144 -3.37 -0.91 -0.61
C GLY B 144 -4.28 0.08 -1.33
N ARG B 145 -3.99 0.38 -2.59
CA ARG B 145 -4.83 1.31 -3.37
C ARG B 145 -6.11 0.64 -3.87
N PRO B 146 -7.19 1.40 -4.04
CA PRO B 146 -8.45 0.81 -4.54
C PRO B 146 -8.38 0.41 -6.02
N ILE B 147 -7.55 1.09 -6.81
CA ILE B 147 -7.42 0.77 -8.23
C ILE B 147 -5.96 0.53 -8.59
N VAL B 148 -5.63 -0.64 -9.10
CA VAL B 148 -4.27 -0.89 -9.57
C VAL B 148 -4.32 -1.21 -11.05
N THR B 149 -3.46 -0.53 -11.80
CA THR B 149 -3.38 -0.75 -13.24
C THR B 149 -2.09 -1.43 -13.60
N LYS B 150 -2.20 -2.46 -14.42
CA LYS B 150 -1.04 -3.14 -14.95
C LYS B 150 -0.97 -2.70 -16.42
N PHE B 151 0.11 -2.00 -16.79
CA PHE B 151 0.31 -1.61 -18.19
C PHE B 151 1.19 -2.60 -18.89
N LYS B 152 0.73 -3.12 -20.02
CA LYS B 152 1.59 -3.94 -20.83
C LYS B 152 2.10 -3.07 -21.96
N VAL B 153 3.41 -2.81 -21.98
CA VAL B 153 3.96 -1.81 -22.91
C VAL B 153 4.87 -2.46 -23.93
N THR B 154 4.56 -2.26 -25.21
CA THR B 154 5.35 -2.88 -26.26
C THR B 154 6.71 -2.20 -26.41
N ASN B 155 7.72 -3.02 -26.63
CA ASN B 155 9.02 -2.58 -27.12
C ASN B 155 8.87 -1.43 -28.12
N GLY B 156 9.57 -0.32 -27.86
CA GLY B 156 9.58 0.82 -28.75
C GLY B 156 8.70 1.96 -28.31
N SER B 157 7.83 1.72 -27.32
CA SER B 157 6.94 2.78 -26.88
C SER B 157 7.79 3.80 -26.16
N LYS B 158 7.33 5.04 -26.15
CA LYS B 158 8.06 6.09 -25.48
C LYS B 158 7.89 5.93 -23.97
N GLY B 159 8.98 6.03 -23.25
CA GLY B 159 8.90 5.93 -21.80
C GLY B 159 10.28 5.73 -21.27
N GLY B 160 10.52 6.23 -20.06
CA GLY B 160 11.81 6.06 -19.44
C GLY B 160 11.81 5.99 -17.92
N TYR B 161 12.87 5.35 -17.46
CA TYR B 161 13.19 5.13 -16.08
C TYR B 161 13.89 6.37 -15.56
N ILE B 162 13.27 7.03 -14.59
CA ILE B 162 13.79 8.33 -14.14
C ILE B 162 14.24 8.35 -12.68
N ASP B 163 14.30 7.16 -12.06
CA ASP B 163 14.65 7.04 -10.64
C ASP B 163 15.95 7.78 -10.24
N PRO B 164 17.02 7.67 -11.03
CA PRO B 164 18.28 8.37 -10.72
C PRO B 164 18.17 9.89 -10.66
N ILE B 165 17.14 10.47 -11.28
CA ILE B 165 17.00 11.90 -11.17
C ILE B 165 15.74 12.36 -10.46
N SER B 166 15.00 11.42 -9.86
CA SER B 166 13.78 11.75 -9.16
C SER B 166 14.01 12.45 -7.83
N TYR B 167 13.04 13.25 -7.43
CA TYR B 167 13.04 13.80 -6.10
C TYR B 167 12.86 12.69 -5.04
N PHE B 168 12.27 11.56 -5.41
CA PHE B 168 11.94 10.47 -4.46
C PHE B 168 12.56 9.18 -4.92
N PRO B 169 13.87 9.02 -4.70
CA PRO B 169 14.58 7.84 -5.20
C PRO B 169 14.05 6.59 -4.53
N GLY B 170 14.00 5.48 -5.26
CA GLY B 170 13.54 4.22 -4.68
C GLY B 170 12.11 3.88 -5.07
N GLN B 171 11.40 4.86 -5.64
CA GLN B 171 10.06 4.60 -6.21
C GLN B 171 10.10 3.79 -7.52
N LEU B 172 11.29 3.69 -8.13
CA LEU B 172 11.52 2.98 -9.39
C LEU B 172 10.58 3.47 -10.52
N GLU B 173 10.46 4.78 -10.64
CA GLU B 173 9.47 5.37 -11.54
C GLU B 173 9.90 5.32 -13.01
N VAL B 174 8.92 4.99 -13.83
CA VAL B 174 9.01 5.01 -15.29
C VAL B 174 7.95 5.98 -15.74
N LEU B 175 8.37 6.98 -16.50
CA LEU B 175 7.49 8.06 -16.85
C LEU B 175 7.08 7.88 -18.33
N LEU B 176 5.79 8.03 -18.63
CA LEU B 176 5.30 7.90 -20.00
C LEU B 176 4.70 9.26 -20.43
N PRO B 177 4.68 9.50 -21.74
CA PRO B 177 4.32 10.83 -22.26
C PRO B 177 2.87 11.19 -21.98
N ARG B 178 2.57 12.49 -21.99
CA ARG B 178 1.22 12.99 -21.89
C ARG B 178 0.44 12.79 -23.19
N ASN B 179 -0.88 13.01 -23.15
CA ASN B 179 -1.74 12.76 -24.31
C ASN B 179 -1.47 11.38 -24.88
N ASN B 180 -1.27 10.41 -24.00
CA ASN B 180 -1.05 9.03 -24.35
C ASN B 180 -2.43 8.35 -24.37
N SER B 181 -2.59 7.37 -25.25
CA SER B 181 -3.83 6.59 -25.33
C SER B 181 -3.52 5.16 -24.92
N TYR B 182 -4.35 4.54 -24.08
CA TYR B 182 -4.14 3.11 -23.81
C TYR B 182 -5.44 2.31 -23.97
N TYR B 183 -5.29 1.04 -24.29
CA TYR B 183 -6.43 0.16 -24.51
C TYR B 183 -6.66 -0.69 -23.26
N ILE B 184 -7.87 -0.58 -22.70
CA ILE B 184 -8.17 -1.37 -21.49
C ILE B 184 -8.64 -2.75 -21.88
N SER B 185 -7.80 -3.75 -21.67
CA SER B 185 -8.11 -5.09 -22.15
C SER B 185 -8.81 -5.97 -21.08
N ASP B 186 -8.77 -5.56 -19.82
CA ASP B 186 -9.43 -6.34 -18.77
C ASP B 186 -9.63 -5.52 -17.52
N MET B 187 -10.71 -5.80 -16.79
CA MET B 187 -11.00 -5.14 -15.52
C MET B 187 -11.66 -6.17 -14.63
N GLN B 188 -11.16 -6.32 -13.39
CA GLN B 188 -11.66 -7.37 -12.50
C GLN B 188 -11.67 -6.88 -11.06
N ILE B 189 -12.55 -7.44 -10.24
CA ILE B 189 -12.52 -7.14 -8.81
C ILE B 189 -11.56 -8.12 -8.19
N SER B 190 -10.71 -7.63 -7.30
CA SER B 190 -9.71 -8.49 -6.70
C SER B 190 -10.40 -9.48 -5.77
N PRO B 191 -9.75 -10.61 -5.55
CA PRO B 191 -10.22 -11.68 -4.66
C PRO B 191 -10.70 -11.20 -3.28
N ASN B 192 -10.05 -10.17 -2.73
CA ASN B 192 -10.46 -9.63 -1.43
C ASN B 192 -11.64 -8.64 -1.50
N ASN B 193 -12.13 -8.39 -2.72
CA ASN B 193 -13.29 -7.52 -2.95
C ASN B 193 -13.09 -6.05 -2.63
N ARG B 194 -11.83 -5.62 -2.56
CA ARG B 194 -11.56 -4.25 -2.11
C ARG B 194 -10.74 -3.46 -3.11
N GLN B 195 -10.43 -4.09 -4.25
CA GLN B 195 -9.61 -3.43 -5.26
C GLN B 195 -10.14 -3.76 -6.66
N ILE B 196 -9.96 -2.82 -7.59
CA ILE B 196 -10.26 -3.05 -9.00
C ILE B 196 -8.89 -3.19 -9.67
N MET B 197 -8.70 -4.28 -10.39
CA MET B 197 -7.47 -4.52 -11.12
C MET B 197 -7.72 -4.28 -12.60
N ILE B 198 -6.95 -3.37 -13.20
CA ILE B 198 -7.10 -3.04 -14.62
C ILE B 198 -5.86 -3.52 -15.39
N THR B 199 -6.08 -4.03 -16.60
CA THR B 199 -4.99 -4.38 -17.49
C THR B 199 -5.14 -3.46 -18.70
N ALA B 200 -4.05 -2.82 -19.11
CA ALA B 200 -4.14 -1.88 -20.23
C ALA B 200 -2.94 -2.03 -21.13
N MET B 201 -3.16 -1.79 -22.41
CA MET B 201 -2.13 -1.97 -23.41
C MET B 201 -1.67 -0.60 -23.91
N ILE B 202 -0.36 -0.42 -23.99
CA ILE B 202 0.20 0.78 -24.57
C ILE B 202 0.99 0.34 -25.78
N PHE B 203 0.71 0.98 -26.91
CA PHE B 203 1.24 0.52 -28.20
C PHE B 203 2.33 1.43 -28.77
N LYS B 204 2.40 2.67 -28.25
CA LYS B 204 3.28 3.70 -28.80
C LYS B 204 3.81 4.62 -27.69
#